data_7QFA
#
_entry.id   7QFA
#
_cell.length_a   66.830
_cell.length_b   42.866
_cell.length_c   168.994
_cell.angle_alpha   90.000
_cell.angle_beta   100.670
_cell.angle_gamma   90.000
#
_symmetry.space_group_name_H-M   'I 1 2 1'
#
loop_
_entity.id
_entity.type
_entity.pdbx_description
1 polymer 'Protein phosphatase 1 regulatory subunit 3C'
2 branched Cycloheptakis-(1-4)-(alpha-D-glucopyranose)
3 non-polymer GLYCEROL
4 water water
#
_entity_poly.entity_id   1
_entity_poly.type   'polypeptide(L)'
_entity_poly.pdbx_seq_one_letter_code
;SKNLILDFPQPSTDYLSFRSHFQKNFVCLENCSLQERTVTGTVKVKNVSFEKKVQIRITFDSWKNYTDVDCVYMKNVYGG
TDSDTFSFAIDLPPVIPTEQKIEFCISYHANGQVFWDNNDGQNYRIVHVQWKPD
;
_entity_poly.pdbx_strand_id   A,B,C
#
loop_
_chem_comp.id
_chem_comp.type
_chem_comp.name
_chem_comp.formula
GLC D-saccharide, alpha linking alpha-D-glucopyranose 'C6 H12 O6'
GOL non-polymer GLYCEROL 'C3 H8 O3'
#
# COMPACT_ATOMS: atom_id res chain seq x y z
N ASN A 3 10.03 22.04 2.71
CA ASN A 3 11.49 22.01 2.77
C ASN A 3 12.06 20.62 3.05
N LEU A 4 11.29 19.75 3.69
CA LEU A 4 11.67 18.35 3.90
C LEU A 4 10.54 17.47 3.43
N ILE A 5 10.91 16.30 2.88
CA ILE A 5 9.92 15.34 2.38
C ILE A 5 10.45 13.94 2.63
N LEU A 6 9.51 13.02 2.83
CA LEU A 6 9.84 11.60 2.87
C LEU A 6 10.32 11.13 1.51
N ASP A 7 11.46 10.43 1.49
CA ASP A 7 12.08 9.92 0.27
C ASP A 7 11.75 8.44 0.05
N PHE A 8 10.56 7.99 0.44
CA PHE A 8 10.22 6.58 0.31
C PHE A 8 8.71 6.45 0.29
N PRO A 9 8.17 5.44 -0.37
CA PRO A 9 6.73 5.22 -0.29
C PRO A 9 6.33 4.65 1.07
N GLN A 10 5.09 4.89 1.46
CA GLN A 10 4.56 4.26 2.67
C GLN A 10 4.68 2.75 2.49
N PRO A 11 5.41 2.04 3.36
CA PRO A 11 5.60 0.60 3.11
C PRO A 11 4.32 -0.19 3.01
N SER A 12 3.29 0.19 3.76
CA SER A 12 2.06 -0.59 3.73
C SER A 12 1.32 -0.45 2.41
N THR A 13 1.67 0.55 1.59
CA THR A 13 0.95 0.74 0.32
C THR A 13 1.16 -0.43 -0.61
N ASP A 14 2.40 -0.90 -0.74
CA ASP A 14 2.72 -2.06 -1.56
C ASP A 14 2.64 -3.30 -0.68
N TYR A 15 1.46 -3.90 -0.60
CA TYR A 15 1.22 -4.96 0.36
C TYR A 15 2.22 -6.11 0.19
N LEU A 16 2.54 -6.46 -1.05
CA LEU A 16 3.36 -7.64 -1.28
C LEU A 16 4.79 -7.43 -0.80
N SER A 17 5.32 -6.21 -1.03
CA SER A 17 6.61 -5.85 -0.46
C SER A 17 6.55 -5.79 1.06
N PHE A 18 5.51 -5.16 1.60
CA PHE A 18 5.41 -5.03 3.06
C PHE A 18 5.39 -6.41 3.72
N ARG A 19 4.56 -7.31 3.20
CA ARG A 19 4.48 -8.63 3.81
C ARG A 19 5.78 -9.40 3.65
N SER A 20 6.43 -9.27 2.50
CA SER A 20 7.69 -9.97 2.31
C SER A 20 8.75 -9.49 3.32
N HIS A 21 8.88 -8.17 3.47
CA HIS A 21 9.82 -7.64 4.47
C HIS A 21 9.43 -8.03 5.90
N PHE A 22 8.14 -7.92 6.23
CA PHE A 22 7.71 -8.22 7.59
C PHE A 22 7.92 -9.68 7.94
N GLN A 23 7.63 -10.58 7.01
CA GLN A 23 7.82 -12.00 7.28
C GLN A 23 9.29 -12.36 7.41
N LYS A 24 10.15 -11.64 6.70
CA LYS A 24 11.60 -11.89 6.77
C LYS A 24 12.23 -11.30 8.02
N ASN A 25 11.89 -10.08 8.38
CA ASN A 25 12.59 -9.37 9.43
C ASN A 25 11.84 -9.31 10.77
N PHE A 26 10.54 -9.65 10.79
CA PHE A 26 9.66 -9.62 11.96
C PHE A 26 9.40 -8.20 12.48
N VAL A 27 9.84 -7.18 11.75
CA VAL A 27 9.52 -5.78 12.06
C VAL A 27 9.51 -5.03 10.74
N CYS A 28 8.56 -4.11 10.59
CA CYS A 28 8.56 -3.28 9.38
C CYS A 28 7.78 -2.01 9.66
N LEU A 29 8.35 -0.88 9.26
CA LEU A 29 7.61 0.38 9.27
C LEU A 29 6.33 0.21 8.48
N GLU A 30 5.25 0.76 9.00
CA GLU A 30 3.94 0.64 8.34
C GLU A 30 3.54 1.94 7.64
N ASN A 31 3.43 3.03 8.40
CA ASN A 31 3.13 4.33 7.84
C ASN A 31 4.04 5.36 8.48
N CYS A 32 4.23 6.47 7.78
CA CYS A 32 5.07 7.55 8.27
C CYS A 32 4.58 8.86 7.66
N SER A 33 4.58 9.92 8.47
CA SER A 33 4.20 11.21 7.96
C SER A 33 5.03 12.29 8.62
N LEU A 34 5.32 13.34 7.85
CA LEU A 34 6.12 14.47 8.28
C LEU A 34 5.20 15.68 8.32
N GLN A 35 5.00 16.24 9.51
CA GLN A 35 4.12 17.38 9.72
C GLN A 35 4.81 18.39 10.62
N GLU A 36 4.75 19.67 10.23
CA GLU A 36 5.44 20.74 10.93
C GLU A 36 6.91 20.36 11.02
N ARG A 37 7.42 20.21 12.25
CA ARG A 37 8.79 19.74 12.45
C ARG A 37 8.78 18.53 13.37
N THR A 38 7.98 17.55 12.99
CA THR A 38 7.82 16.33 13.76
C THR A 38 7.57 15.23 12.75
N VAL A 39 8.23 14.09 12.94
CA VAL A 39 8.00 12.90 12.14
C VAL A 39 7.33 11.86 13.03
N THR A 40 6.21 11.32 12.56
CA THR A 40 5.40 10.38 13.31
C THR A 40 5.10 9.17 12.44
N GLY A 41 4.79 8.05 13.08
CA GLY A 41 4.49 6.88 12.27
C GLY A 41 4.13 5.69 13.11
N THR A 42 3.93 4.57 12.41
CA THR A 42 3.55 3.30 13.01
C THR A 42 4.45 2.19 12.48
N VAL A 43 4.67 1.20 13.34
CA VAL A 43 5.59 0.10 13.10
C VAL A 43 4.85 -1.19 13.41
N LYS A 44 4.93 -2.17 12.51
CA LYS A 44 4.35 -3.48 12.80
C LYS A 44 5.45 -4.43 13.24
N VAL A 45 5.20 -5.21 14.30
CA VAL A 45 6.17 -6.18 14.80
C VAL A 45 5.49 -7.54 14.98
N LYS A 46 6.24 -8.60 14.73
CA LYS A 46 5.75 -9.94 14.98
C LYS A 46 5.57 -10.14 16.49
N ASN A 47 4.46 -10.78 16.88
CA ASN A 47 4.17 -10.93 18.30
C ASN A 47 4.94 -12.14 18.81
N VAL A 48 6.21 -11.90 19.12
CA VAL A 48 7.11 -12.97 19.52
C VAL A 48 7.02 -13.26 21.02
N SER A 49 6.66 -12.28 21.82
CA SER A 49 6.55 -12.46 23.26
C SER A 49 5.83 -11.26 23.83
N PHE A 50 5.28 -11.43 25.04
CA PHE A 50 4.60 -10.33 25.70
C PHE A 50 5.47 -9.07 25.75
N GLU A 51 6.67 -9.18 26.33
CA GLU A 51 7.52 -8.02 26.53
C GLU A 51 8.27 -7.66 25.25
N LYS A 52 8.20 -6.38 24.86
CA LYS A 52 8.82 -5.94 23.61
C LYS A 52 9.45 -4.56 23.81
N LYS A 53 10.53 -4.29 23.08
CA LYS A 53 11.11 -2.95 23.03
C LYS A 53 11.34 -2.58 21.56
N VAL A 54 10.65 -1.56 21.11
CA VAL A 54 10.70 -1.10 19.72
C VAL A 54 11.22 0.33 19.73
N GLN A 55 12.24 0.60 18.91
CA GLN A 55 12.89 1.89 18.93
C GLN A 55 13.14 2.36 17.50
N ILE A 56 13.06 3.67 17.30
CA ILE A 56 13.55 4.30 16.08
C ILE A 56 14.95 4.79 16.35
N ARG A 57 15.91 4.40 15.50
CA ARG A 57 17.24 4.96 15.51
C ARG A 57 17.32 5.96 14.37
N ILE A 58 17.52 7.24 14.69
CA ILE A 58 17.38 8.31 13.70
C ILE A 58 18.62 9.20 13.75
N THR A 59 19.09 9.63 12.57
CA THR A 59 20.14 10.64 12.49
C THR A 59 19.61 11.86 11.73
N PHE A 60 20.07 13.03 12.18
CA PHE A 60 19.86 14.30 11.49
C PHE A 60 21.18 14.89 11.00
N ASP A 61 22.29 14.17 11.15
CA ASP A 61 23.58 14.71 10.73
C ASP A 61 24.43 13.63 10.05
N SER A 62 23.84 12.91 9.09
CA SER A 62 24.58 11.98 8.22
C SER A 62 25.28 10.89 9.03
N TRP A 63 24.65 10.44 10.11
CA TRP A 63 25.13 9.35 10.95
C TRP A 63 26.39 9.72 11.73
N LYS A 64 26.76 10.99 11.78
CA LYS A 64 27.77 11.39 12.75
C LYS A 64 27.29 11.11 14.17
N ASN A 65 26.00 11.35 14.41
CA ASN A 65 25.32 11.03 15.66
C ASN A 65 24.00 10.35 15.34
N TYR A 66 23.42 9.71 16.35
CA TYR A 66 22.07 9.18 16.21
C TYR A 66 21.40 9.15 17.57
N THR A 67 20.07 9.07 17.54
CA THR A 67 19.26 8.96 18.75
C THR A 67 18.37 7.74 18.65
N ASP A 68 18.23 7.01 19.75
CA ASP A 68 17.29 5.89 19.85
C ASP A 68 16.05 6.39 20.59
N VAL A 69 14.90 6.35 19.92
CA VAL A 69 13.64 6.89 20.46
C VAL A 69 12.68 5.73 20.69
N ASP A 70 12.12 5.64 21.90
CA ASP A 70 11.18 4.56 22.21
C ASP A 70 9.86 4.75 21.49
N CYS A 71 9.34 3.65 20.92
CA CYS A 71 7.99 3.58 20.39
C CYS A 71 7.03 3.05 21.46
N VAL A 72 5.74 3.38 21.27
CA VAL A 72 4.67 3.10 22.23
C VAL A 72 3.70 2.09 21.64
N TYR A 73 3.36 1.06 22.43
CA TYR A 73 2.40 0.05 21.99
C TYR A 73 1.05 0.68 21.73
N MET A 74 0.40 0.30 20.63
CA MET A 74 -0.92 0.81 20.27
C MET A 74 -1.92 -0.33 20.35
N LYS A 75 -2.96 -0.17 21.18
CA LYS A 75 -4.00 -1.19 21.19
C LYS A 75 -4.78 -1.12 19.89
N ASN A 76 -4.96 -2.26 19.24
CA ASN A 76 -5.68 -2.36 17.97
C ASN A 76 -6.75 -3.45 18.07
N VAL A 77 -8.02 -3.05 18.26
CA VAL A 77 -9.12 -4.02 18.27
C VAL A 77 -9.14 -4.83 16.96
N TYR A 78 -8.76 -4.20 15.85
CA TYR A 78 -8.84 -4.82 14.53
C TYR A 78 -7.57 -5.56 14.15
N GLY A 79 -6.50 -5.45 14.92
CA GLY A 79 -5.32 -6.22 14.63
C GLY A 79 -5.49 -7.68 15.03
N GLY A 80 -4.64 -8.52 14.46
CA GLY A 80 -4.62 -9.91 14.80
C GLY A 80 -3.83 -10.19 16.06
N THR A 81 -3.61 -11.48 16.31
CA THR A 81 -2.81 -11.96 17.42
C THR A 81 -1.39 -12.31 16.97
N ASP A 82 -1.11 -12.22 15.66
CA ASP A 82 0.20 -12.56 15.14
CA ASP A 82 0.21 -12.56 15.15
C ASP A 82 1.16 -11.37 15.13
N SER A 83 0.65 -10.15 15.17
CA SER A 83 1.49 -8.97 15.15
C SER A 83 0.90 -7.89 16.04
N ASP A 84 1.74 -6.92 16.36
CA ASP A 84 1.38 -5.79 17.20
C ASP A 84 1.84 -4.52 16.50
N THR A 85 1.18 -3.41 16.82
CA THR A 85 1.47 -2.10 16.25
C THR A 85 2.02 -1.17 17.33
N PHE A 86 3.09 -0.45 16.99
CA PHE A 86 3.72 0.55 17.84
C PHE A 86 3.76 1.87 17.09
N SER A 87 3.66 2.99 17.82
CA SER A 87 3.69 4.31 17.23
C SER A 87 4.91 5.09 17.72
N PHE A 88 5.31 6.09 16.94
CA PHE A 88 6.42 6.96 17.33
C PHE A 88 6.11 8.39 16.90
N ALA A 89 6.74 9.34 17.62
CA ALA A 89 6.68 10.76 17.30
C ALA A 89 8.01 11.37 17.70
N ILE A 90 8.71 12.02 16.76
CA ILE A 90 10.07 12.50 16.97
C ILE A 90 10.12 13.96 16.52
N ASP A 91 10.60 14.84 17.39
CA ASP A 91 10.75 16.24 17.01
C ASP A 91 12.02 16.42 16.18
N LEU A 92 11.88 17.11 15.05
CA LEU A 92 13.05 17.49 14.27
C LEU A 92 13.80 18.63 14.96
N PRO A 93 15.12 18.67 14.81
CA PRO A 93 15.86 19.83 15.28
C PRO A 93 15.36 21.07 14.58
N PRO A 94 15.48 22.25 15.20
CA PRO A 94 14.97 23.48 14.57
C PRO A 94 15.53 23.73 13.18
N VAL A 95 16.81 23.50 12.95
CA VAL A 95 17.43 23.70 11.64
C VAL A 95 18.29 22.49 11.31
N ILE A 96 18.17 22.00 10.08
CA ILE A 96 19.05 20.94 9.60
C ILE A 96 19.70 21.43 8.31
N PRO A 97 21.01 21.66 8.28
CA PRO A 97 21.66 22.15 7.05
C PRO A 97 21.43 21.22 5.86
N THR A 98 21.36 21.82 4.67
CA THR A 98 20.99 21.07 3.47
C THR A 98 21.97 19.96 3.16
N GLU A 99 23.24 20.10 3.55
CA GLU A 99 24.22 19.06 3.26
C GLU A 99 24.06 17.83 4.15
N GLN A 100 23.29 17.90 5.23
CA GLN A 100 23.23 16.81 6.19
C GLN A 100 22.11 15.84 5.83
N LYS A 101 22.42 14.54 5.89
CA LYS A 101 21.42 13.52 5.61
C LYS A 101 20.60 13.20 6.86
N ILE A 102 19.31 12.95 6.64
CA ILE A 102 18.36 12.56 7.68
C ILE A 102 17.87 11.16 7.35
N GLU A 103 18.12 10.20 8.23
CA GLU A 103 17.74 8.81 7.96
C GLU A 103 17.32 8.15 9.26
N PHE A 104 16.44 7.16 9.15
CA PHE A 104 16.14 6.36 10.33
C PHE A 104 15.90 4.92 9.94
N CYS A 105 16.03 4.06 10.94
CA CYS A 105 15.74 2.65 10.83
C CYS A 105 15.08 2.24 12.15
N ILE A 106 14.70 0.98 12.25
CA ILE A 106 13.88 0.52 13.37
C ILE A 106 14.52 -0.73 13.98
N SER A 107 14.61 -0.77 15.30
CA SER A 107 15.07 -1.96 15.98
C SER A 107 13.95 -2.49 16.88
N TYR A 108 13.97 -3.81 17.09
CA TYR A 108 12.94 -4.52 17.85
C TYR A 108 13.62 -5.58 18.69
N HIS A 109 13.51 -5.44 20.02
CA HIS A 109 14.04 -6.42 20.97
C HIS A 109 12.91 -7.25 21.56
N ALA A 110 13.03 -8.57 21.50
CA ALA A 110 12.09 -9.45 22.15
C ALA A 110 12.77 -10.79 22.36
N ASN A 111 12.55 -11.36 23.55
CA ASN A 111 13.05 -12.70 23.91
C ASN A 111 14.55 -12.83 23.66
N GLY A 112 15.30 -11.81 24.06
CA GLY A 112 16.74 -11.83 23.94
C GLY A 112 17.29 -11.71 22.53
N GLN A 113 16.45 -11.39 21.53
CA GLN A 113 16.93 -11.19 20.17
C GLN A 113 16.62 -9.78 19.71
N VAL A 114 17.30 -9.35 18.66
CA VAL A 114 17.11 -8.03 18.08
C VAL A 114 16.83 -8.20 16.59
N PHE A 115 15.79 -7.52 16.13
CA PHE A 115 15.38 -7.52 14.73
C PHE A 115 15.44 -6.08 14.22
N TRP A 116 15.78 -5.92 12.94
CA TRP A 116 15.94 -4.58 12.38
C TRP A 116 15.11 -4.43 11.11
N ASP A 117 14.52 -3.25 10.95
CA ASP A 117 14.04 -2.80 9.65
C ASP A 117 14.96 -1.65 9.22
N ASN A 118 15.88 -1.95 8.30
CA ASN A 118 16.76 -0.93 7.73
C ASN A 118 16.45 -0.65 6.27
N ASN A 119 15.24 -0.98 5.82
CA ASN A 119 14.77 -0.70 4.46
C ASN A 119 15.75 -1.20 3.40
N ASP A 120 16.07 -2.49 3.47
CA ASP A 120 16.99 -3.14 2.52
C ASP A 120 18.36 -2.48 2.52
N GLY A 121 18.83 -2.01 3.67
CA GLY A 121 20.16 -1.44 3.80
C GLY A 121 20.29 0.03 3.44
N GLN A 122 19.20 0.70 3.05
CA GLN A 122 19.23 2.11 2.70
C GLN A 122 18.70 3.02 3.81
N ASN A 123 18.03 2.45 4.82
CA ASN A 123 17.31 3.19 5.84
C ASN A 123 16.16 3.97 5.20
N TYR A 124 15.37 4.64 6.04
CA TYR A 124 14.28 5.48 5.59
C TYR A 124 14.77 6.93 5.56
N ARG A 125 14.80 7.52 4.38
CA ARG A 125 15.44 8.82 4.19
C ARG A 125 14.43 9.94 4.06
N ILE A 126 14.79 11.08 4.64
CA ILE A 126 14.07 12.34 4.51
C ILE A 126 15.01 13.31 3.82
N VAL A 127 14.57 13.94 2.72
CA VAL A 127 15.50 14.72 1.92
C VAL A 127 15.04 16.17 1.88
N HIS A 128 16.00 17.05 1.57
CA HIS A 128 15.76 18.48 1.43
C HIS A 128 15.27 18.83 0.04
N VAL A 129 14.32 19.76 -0.04
CA VAL A 129 13.76 20.20 -1.33
C VAL A 129 13.62 21.72 -1.33
N GLN A 130 13.54 22.23 -2.54
CA GLN A 130 13.29 23.66 -2.87
C GLN A 130 11.91 24.09 -2.35
N TRP A 131 10.89 23.30 -2.66
CA TRP A 131 9.46 23.60 -2.35
C TRP A 131 9.34 23.97 -0.86
N ASN B 3 -16.62 -2.83 14.21
CA ASN B 3 -17.34 -3.84 14.99
C ASN B 3 -17.13 -5.30 14.51
N LEU B 4 -16.65 -5.52 13.29
CA LEU B 4 -16.41 -6.85 12.77
C LEU B 4 -14.94 -7.03 12.40
N ILE B 5 -14.46 -8.28 12.50
CA ILE B 5 -13.07 -8.61 12.20
C ILE B 5 -13.02 -9.99 11.55
N LEU B 6 -12.07 -10.16 10.63
CA LEU B 6 -11.80 -11.48 10.07
C LEU B 6 -11.27 -12.41 11.15
N ASP B 7 -11.82 -13.63 11.23
CA ASP B 7 -11.42 -14.62 12.23
C ASP B 7 -10.45 -15.64 11.65
N PHE B 8 -9.55 -15.23 10.75
CA PHE B 8 -8.61 -16.14 10.12
C PHE B 8 -7.43 -15.34 9.59
N PRO B 9 -6.23 -15.92 9.54
CA PRO B 9 -5.11 -15.22 8.92
C PRO B 9 -5.26 -15.21 7.40
N GLN B 10 -4.62 -14.23 6.77
CA GLN B 10 -4.56 -14.19 5.30
C GLN B 10 -3.97 -15.49 4.78
N PRO B 11 -4.70 -16.27 3.98
CA PRO B 11 -4.18 -17.59 3.59
C PRO B 11 -2.86 -17.54 2.82
N SER B 12 -2.66 -16.51 2.00
CA SER B 12 -1.45 -16.43 1.20
C SER B 12 -0.22 -16.11 2.06
N THR B 13 -0.43 -15.65 3.29
CA THR B 13 0.69 -15.28 4.16
C THR B 13 1.53 -16.50 4.52
N ASP B 14 0.87 -17.64 4.78
CA ASP B 14 1.55 -18.90 5.10
C ASP B 14 1.78 -19.62 3.77
N TYR B 15 2.94 -19.38 3.17
CA TYR B 15 3.19 -19.82 1.80
C TYR B 15 3.04 -21.33 1.64
N LEU B 16 3.56 -22.13 2.58
CA LEU B 16 3.49 -23.58 2.41
C LEU B 16 2.07 -24.09 2.60
N SER B 17 1.33 -23.55 3.57
CA SER B 17 -0.06 -23.94 3.72
C SER B 17 -0.88 -23.54 2.49
N PHE B 18 -0.68 -22.31 2.00
CA PHE B 18 -1.43 -21.85 0.83
C PHE B 18 -1.14 -22.72 -0.38
N ARG B 19 0.15 -23.00 -0.62
CA ARG B 19 0.52 -23.79 -1.79
C ARG B 19 -0.04 -25.19 -1.70
N SER B 20 -0.04 -25.77 -0.50
CA SER B 20 -0.59 -27.11 -0.30
C SER B 20 -2.09 -27.13 -0.56
N HIS B 21 -2.82 -26.16 -0.01
CA HIS B 21 -4.26 -26.10 -0.25
C HIS B 21 -4.58 -25.86 -1.72
N PHE B 22 -3.85 -24.93 -2.35
CA PHE B 22 -4.13 -24.62 -3.75
C PHE B 22 -3.91 -25.83 -4.65
N GLN B 23 -2.81 -26.56 -4.44
CA GLN B 23 -2.54 -27.71 -5.30
C GLN B 23 -3.55 -28.82 -5.03
N LYS B 24 -4.08 -28.88 -3.82
CA LYS B 24 -5.04 -29.92 -3.47
C LYS B 24 -6.43 -29.59 -4.02
N ASN B 25 -6.88 -28.34 -3.85
CA ASN B 25 -8.26 -27.97 -4.16
C ASN B 25 -8.45 -27.20 -5.47
N PHE B 26 -7.37 -26.68 -6.07
CA PHE B 26 -7.41 -25.90 -7.32
C PHE B 26 -8.06 -24.54 -7.16
N VAL B 27 -8.42 -24.14 -5.94
CA VAL B 27 -8.92 -22.81 -5.65
C VAL B 27 -8.57 -22.50 -4.20
N CYS B 28 -8.18 -21.26 -3.93
CA CYS B 28 -7.91 -20.86 -2.56
C CYS B 28 -8.03 -19.35 -2.42
N LEU B 29 -8.71 -18.90 -1.37
CA LEU B 29 -8.70 -17.50 -1.01
C LEU B 29 -7.25 -17.05 -0.86
N GLU B 30 -6.94 -15.86 -1.38
CA GLU B 30 -5.58 -15.35 -1.35
C GLU B 30 -5.44 -14.26 -0.29
N ASN B 31 -6.19 -13.18 -0.45
CA ASN B 31 -6.22 -12.08 0.51
C ASN B 31 -7.66 -11.66 0.73
N CYS B 32 -7.93 -11.05 1.88
CA CYS B 32 -9.27 -10.61 2.22
C CYS B 32 -9.17 -9.45 3.19
N SER B 33 -10.00 -8.44 3.01
CA SER B 33 -10.00 -7.31 3.93
C SER B 33 -11.42 -6.84 4.13
N LEU B 34 -11.68 -6.32 5.33
CA LEU B 34 -13.00 -5.89 5.78
C LEU B 34 -12.97 -4.39 6.02
N GLN B 35 -13.76 -3.62 5.25
CA GLN B 35 -13.79 -2.18 5.44
C GLN B 35 -15.21 -1.66 5.48
N GLU B 36 -15.52 -0.91 6.54
CA GLU B 36 -16.82 -0.30 6.77
C GLU B 36 -17.88 -1.41 6.63
N ARG B 37 -18.73 -1.28 5.60
CA ARG B 37 -19.71 -2.32 5.35
C ARG B 37 -19.45 -3.01 4.01
N THR B 38 -18.23 -3.50 3.83
CA THR B 38 -17.85 -4.16 2.59
C THR B 38 -16.73 -5.15 2.87
N VAL B 39 -16.83 -6.37 2.34
CA VAL B 39 -15.74 -7.33 2.42
C VAL B 39 -15.22 -7.57 1.00
N THR B 40 -13.91 -7.44 0.83
CA THR B 40 -13.26 -7.58 -0.47
C THR B 40 -12.11 -8.57 -0.37
N GLY B 41 -11.72 -9.13 -1.50
CA GLY B 41 -10.59 -10.05 -1.49
C GLY B 41 -10.26 -10.55 -2.89
N THR B 42 -9.28 -11.46 -2.92
CA THR B 42 -8.81 -12.08 -4.14
C THR B 42 -8.75 -13.59 -3.96
N VAL B 43 -8.97 -14.29 -5.07
CA VAL B 43 -9.03 -15.75 -5.12
C VAL B 43 -8.09 -16.21 -6.22
N LYS B 44 -7.30 -17.23 -5.91
CA LYS B 44 -6.42 -17.85 -6.92
C LYS B 44 -7.08 -19.14 -7.39
N VAL B 45 -7.09 -19.37 -8.68
CA VAL B 45 -7.66 -20.60 -9.25
C VAL B 45 -6.66 -21.24 -10.22
N LYS B 46 -6.63 -22.57 -10.23
CA LYS B 46 -5.82 -23.28 -11.20
C LYS B 46 -6.40 -23.05 -12.59
N ASN B 47 -5.53 -22.75 -13.57
CA ASN B 47 -5.98 -22.39 -14.92
C ASN B 47 -6.22 -23.65 -15.73
N VAL B 48 -7.40 -24.27 -15.52
CA VAL B 48 -7.71 -25.54 -16.18
C VAL B 48 -8.38 -25.34 -17.54
N SER B 49 -8.96 -24.18 -17.80
CA SER B 49 -9.62 -23.91 -19.08
C SER B 49 -9.89 -22.42 -19.17
N PHE B 50 -10.08 -21.96 -20.40
CA PHE B 50 -10.44 -20.56 -20.63
C PHE B 50 -11.64 -20.13 -19.79
N GLU B 51 -12.77 -20.83 -19.96
CA GLU B 51 -14.01 -20.44 -19.30
C GLU B 51 -14.04 -20.91 -17.85
N LYS B 52 -14.33 -19.97 -16.95
CA LYS B 52 -14.33 -20.22 -15.52
C LYS B 52 -15.49 -19.46 -14.88
N LYS B 53 -16.01 -20.02 -13.78
CA LYS B 53 -17.00 -19.36 -12.94
C LYS B 53 -16.52 -19.47 -11.50
N VAL B 54 -16.23 -18.33 -10.87
CA VAL B 54 -15.72 -18.27 -9.49
C VAL B 54 -16.72 -17.47 -8.67
N GLN B 55 -17.18 -18.06 -7.57
CA GLN B 55 -18.22 -17.44 -6.76
C GLN B 55 -17.88 -17.55 -5.29
N ILE B 56 -18.26 -16.52 -4.54
CA ILE B 56 -18.25 -16.55 -3.09
C ILE B 56 -19.66 -16.94 -2.66
N ARG B 57 -19.77 -17.98 -1.84
CA ARG B 57 -21.04 -18.31 -1.20
C ARG B 57 -20.98 -17.82 0.24
N ILE B 58 -21.82 -16.86 0.58
CA ILE B 58 -21.70 -16.14 1.85
C ILE B 58 -23.06 -16.12 2.56
N THR B 59 -23.02 -16.27 3.88
CA THR B 59 -24.18 -16.11 4.75
C THR B 59 -23.91 -15.00 5.77
N PHE B 60 -24.98 -14.27 6.11
CA PHE B 60 -24.96 -13.32 7.21
C PHE B 60 -25.92 -13.73 8.32
N ASP B 61 -26.53 -14.91 8.23
CA ASP B 61 -27.49 -15.36 9.25
C ASP B 61 -27.34 -16.86 9.52
N SER B 62 -26.11 -17.31 9.78
CA SER B 62 -25.83 -18.66 10.27
C SER B 62 -26.31 -19.75 9.31
N TRP B 63 -26.26 -19.47 8.02
CA TRP B 63 -26.61 -20.40 6.94
C TRP B 63 -28.11 -20.70 6.89
N LYS B 64 -28.95 -19.90 7.56
CA LYS B 64 -30.37 -19.96 7.25
C LYS B 64 -30.61 -19.59 5.79
N ASN B 65 -29.87 -18.59 5.31
CA ASN B 65 -29.86 -18.19 3.91
C ASN B 65 -28.42 -17.96 3.47
N TYR B 66 -28.21 -17.94 2.15
CA TYR B 66 -26.91 -17.55 1.61
C TYR B 66 -27.09 -16.94 0.23
N THR B 67 -26.05 -16.23 -0.21
CA THR B 67 -25.99 -15.61 -1.52
C THR B 67 -24.72 -16.06 -2.24
N ASP B 68 -24.83 -16.34 -3.54
CA ASP B 68 -23.68 -16.64 -4.38
C ASP B 68 -23.33 -15.35 -5.15
N VAL B 69 -22.11 -14.86 -4.96
CA VAL B 69 -21.66 -13.60 -5.55
C VAL B 69 -20.55 -13.92 -6.54
N ASP B 70 -20.68 -13.43 -7.77
CA ASP B 70 -19.68 -13.69 -8.80
C ASP B 70 -18.38 -12.94 -8.53
N CYS B 71 -17.25 -13.62 -8.77
CA CYS B 71 -15.95 -12.94 -8.79
C CYS B 71 -15.59 -12.53 -10.21
N VAL B 72 -14.74 -11.50 -10.32
CA VAL B 72 -14.38 -10.90 -11.59
C VAL B 72 -12.91 -11.17 -11.86
N TYR B 73 -12.60 -11.56 -13.10
CA TYR B 73 -11.23 -11.84 -13.47
C TYR B 73 -10.34 -10.62 -13.30
N MET B 74 -9.13 -10.84 -12.78
CA MET B 74 -8.14 -9.78 -12.57
C MET B 74 -7.00 -9.94 -13.55
N LYS B 75 -6.75 -8.89 -14.32
CA LYS B 75 -5.59 -8.86 -15.21
C LYS B 75 -4.31 -8.75 -14.38
N ASN B 76 -3.35 -9.61 -14.68
CA ASN B 76 -2.06 -9.60 -14.01
C ASN B 76 -0.92 -9.52 -15.01
N GLY B 79 2.55 -11.98 -13.53
CA GLY B 79 1.58 -13.06 -13.49
C GLY B 79 1.90 -14.26 -14.36
N GLY B 80 1.60 -15.46 -13.84
CA GLY B 80 1.93 -16.70 -14.53
C GLY B 80 0.80 -17.25 -15.38
N THR B 81 1.05 -18.42 -15.97
CA THR B 81 0.07 -19.07 -16.83
C THR B 81 -0.68 -20.21 -16.17
N ASP B 82 -0.15 -20.80 -15.11
CA ASP B 82 -0.81 -21.95 -14.52
C ASP B 82 -1.89 -21.57 -13.51
N SER B 83 -1.99 -20.30 -13.13
CA SER B 83 -3.06 -19.85 -12.25
C SER B 83 -3.61 -18.50 -12.71
N ASP B 84 -4.83 -18.20 -12.26
CA ASP B 84 -5.49 -16.93 -12.52
C ASP B 84 -6.03 -16.36 -11.21
N THR B 85 -6.20 -15.03 -11.17
CA THR B 85 -6.70 -14.35 -9.98
C THR B 85 -8.04 -13.69 -10.27
N PHE B 86 -8.99 -13.86 -9.35
CA PHE B 86 -10.30 -13.25 -9.42
C PHE B 86 -10.51 -12.41 -8.16
N SER B 87 -11.27 -11.32 -8.30
CA SER B 87 -11.54 -10.43 -7.18
C SER B 87 -13.02 -10.45 -6.80
N PHE B 88 -13.32 -10.04 -5.57
CA PHE B 88 -14.71 -9.94 -5.17
C PHE B 88 -14.89 -8.75 -4.22
N ALA B 89 -16.11 -8.22 -4.18
CA ALA B 89 -16.48 -7.17 -3.26
C ALA B 89 -17.95 -7.33 -2.90
N ILE B 90 -18.24 -7.47 -1.60
CA ILE B 90 -19.59 -7.84 -1.16
C ILE B 90 -20.03 -6.84 -0.10
N ASP B 91 -21.21 -6.28 -0.27
CA ASP B 91 -21.74 -5.35 0.71
C ASP B 91 -22.30 -6.13 1.90
N LEU B 92 -21.87 -5.75 3.09
CA LEU B 92 -22.46 -6.28 4.30
C LEU B 92 -23.86 -5.69 4.48
N PRO B 93 -24.81 -6.45 5.01
CA PRO B 93 -26.09 -5.85 5.34
C PRO B 93 -25.89 -4.73 6.35
N PRO B 94 -26.73 -3.69 6.30
CA PRO B 94 -26.56 -2.59 7.26
C PRO B 94 -26.56 -3.03 8.70
N VAL B 95 -27.44 -3.98 9.07
CA VAL B 95 -27.51 -4.47 10.45
C VAL B 95 -27.44 -5.99 10.42
N ILE B 96 -26.59 -6.56 11.28
CA ILE B 96 -26.48 -8.00 11.46
C ILE B 96 -26.64 -8.27 12.95
N PRO B 97 -27.67 -9.00 13.37
CA PRO B 97 -27.83 -9.28 14.81
C PRO B 97 -26.60 -9.97 15.38
N THR B 98 -26.31 -9.66 16.64
CA THR B 98 -25.05 -10.08 17.27
C THR B 98 -24.90 -11.60 17.37
N GLU B 99 -26.01 -12.33 17.42
CA GLU B 99 -25.97 -13.78 17.59
C GLU B 99 -25.66 -14.54 16.29
N GLN B 100 -25.65 -13.88 15.14
CA GLN B 100 -25.60 -14.56 13.85
C GLN B 100 -24.18 -14.86 13.40
N LYS B 101 -23.98 -16.03 12.78
CA LYS B 101 -22.68 -16.35 12.19
C LYS B 101 -22.57 -15.75 10.80
N ILE B 102 -21.40 -15.19 10.50
CA ILE B 102 -21.07 -14.66 9.18
C ILE B 102 -19.93 -15.51 8.64
N GLU B 103 -20.19 -16.21 7.53
CA GLU B 103 -19.24 -17.17 6.98
C GLU B 103 -19.34 -17.18 5.46
N PHE B 104 -18.21 -17.46 4.81
CA PHE B 104 -18.25 -17.65 3.37
C PHE B 104 -17.27 -18.73 2.94
N CYS B 105 -17.51 -19.26 1.75
CA CYS B 105 -16.63 -20.21 1.10
C CYS B 105 -16.60 -19.86 -0.38
N ILE B 106 -15.81 -20.59 -1.16
CA ILE B 106 -15.56 -20.25 -2.56
C ILE B 106 -15.80 -21.48 -3.41
N SER B 107 -16.53 -21.32 -4.52
CA SER B 107 -16.70 -22.37 -5.49
C SER B 107 -16.10 -21.95 -6.82
N TYR B 108 -15.63 -22.94 -7.58
CA TYR B 108 -14.94 -22.72 -8.85
C TYR B 108 -15.42 -23.79 -9.80
N HIS B 109 -16.17 -23.38 -10.83
CA HIS B 109 -16.68 -24.29 -11.86
C HIS B 109 -15.82 -24.09 -13.09
N ALA B 110 -15.23 -25.18 -13.58
CA ALA B 110 -14.46 -25.12 -14.82
C ALA B 110 -14.31 -26.53 -15.35
N ASN B 111 -14.34 -26.67 -16.68
CA ASN B 111 -14.06 -27.94 -17.34
C ASN B 111 -15.00 -29.05 -16.84
N GLY B 112 -16.26 -28.69 -16.62
CA GLY B 112 -17.26 -29.65 -16.15
C GLY B 112 -17.05 -30.14 -14.73
N GLN B 113 -16.13 -29.54 -13.98
CA GLN B 113 -15.83 -29.92 -12.61
C GLN B 113 -16.16 -28.77 -11.67
N VAL B 114 -16.27 -29.08 -10.39
CA VAL B 114 -16.53 -28.08 -9.35
C VAL B 114 -15.51 -28.24 -8.25
N PHE B 115 -14.85 -27.15 -7.88
CA PHE B 115 -13.86 -27.15 -6.83
C PHE B 115 -14.29 -26.18 -5.74
N TRP B 116 -13.96 -26.50 -4.49
CA TRP B 116 -14.36 -25.66 -3.36
C TRP B 116 -13.16 -25.33 -2.49
N ASP B 117 -13.15 -24.11 -1.96
CA ASP B 117 -12.33 -23.75 -0.81
C ASP B 117 -13.32 -23.50 0.32
N ASN B 118 -13.43 -24.46 1.24
CA ASN B 118 -14.24 -24.26 2.44
C ASN B 118 -13.37 -24.13 3.69
N ASN B 119 -12.10 -23.77 3.52
CA ASN B 119 -11.19 -23.56 4.66
C ASN B 119 -11.20 -24.77 5.61
N ASP B 120 -10.93 -25.95 5.04
CA ASP B 120 -10.84 -27.19 5.82
C ASP B 120 -12.14 -27.50 6.57
N GLY B 121 -13.27 -27.18 5.96
CA GLY B 121 -14.56 -27.46 6.54
C GLY B 121 -15.06 -26.44 7.53
N GLN B 122 -14.29 -25.37 7.77
CA GLN B 122 -14.68 -24.38 8.75
C GLN B 122 -15.34 -23.17 8.13
N ASN B 123 -15.18 -22.98 6.82
CA ASN B 123 -15.50 -21.75 6.11
C ASN B 123 -14.64 -20.61 6.63
N TYR B 124 -14.75 -19.45 5.99
CA TYR B 124 -14.05 -18.25 6.43
C TYR B 124 -15.01 -17.42 7.27
N ARG B 125 -14.68 -17.21 8.54
CA ARG B 125 -15.59 -16.62 9.49
C ARG B 125 -15.26 -15.14 9.74
N ILE B 126 -16.30 -14.33 9.83
CA ILE B 126 -16.22 -12.93 10.24
C ILE B 126 -16.99 -12.81 11.56
N VAL B 127 -16.34 -12.29 12.59
CA VAL B 127 -16.88 -12.26 13.95
C VAL B 127 -16.84 -10.84 14.50
N HIS B 128 -17.59 -10.63 15.57
CA HIS B 128 -17.69 -9.32 16.19
C HIS B 128 -16.47 -9.07 17.08
N VAL B 129 -16.00 -7.80 17.06
CA VAL B 129 -14.76 -7.42 17.75
C VAL B 129 -14.82 -7.66 19.26
N GLN B 130 -13.63 -7.70 19.86
CA GLN B 130 -13.39 -8.16 21.21
C GLN B 130 -13.01 -7.01 22.14
N ASN C 3 23.27 11.60 -13.62
CA ASN C 3 23.06 10.61 -14.67
C ASN C 3 21.64 10.72 -15.24
N LEU C 4 20.70 11.17 -14.42
CA LEU C 4 19.33 11.40 -14.84
C LEU C 4 18.89 12.80 -14.45
N ILE C 5 17.98 13.36 -15.23
CA ILE C 5 17.48 14.71 -14.98
C ILE C 5 16.00 14.74 -15.36
N LEU C 6 15.23 15.52 -14.60
CA LEU C 6 13.87 15.84 -14.99
C LEU C 6 13.90 16.69 -16.25
N ASP C 7 13.07 16.33 -17.23
CA ASP C 7 13.03 17.03 -18.51
C ASP C 7 11.90 18.06 -18.56
N PHE C 8 11.60 18.70 -17.43
CA PHE C 8 10.50 19.65 -17.40
C PHE C 8 10.71 20.60 -16.22
N PRO C 9 10.24 21.84 -16.31
CA PRO C 9 10.32 22.73 -15.16
C PRO C 9 9.28 22.33 -14.12
N GLN C 10 9.54 22.72 -12.89
CA GLN C 10 8.55 22.52 -11.83
C GLN C 10 7.25 23.19 -12.25
N PRO C 11 6.14 22.47 -12.33
CA PRO C 11 4.91 23.12 -12.81
C PRO C 11 4.48 24.31 -11.97
N SER C 12 4.75 24.28 -10.66
CA SER C 12 4.30 25.36 -9.80
C SER C 12 5.08 26.68 -10.00
N THR C 13 6.26 26.67 -10.62
CA THR C 13 7.01 27.92 -10.73
C THR C 13 6.29 28.94 -11.61
N ASP C 14 5.68 28.49 -12.71
CA ASP C 14 4.89 29.36 -13.56
C ASP C 14 3.46 29.32 -13.04
N TYR C 15 3.16 30.26 -12.14
CA TYR C 15 1.88 30.23 -11.42
C TYR C 15 0.72 30.33 -12.40
N LEU C 16 0.88 31.10 -13.48
CA LEU C 16 -0.24 31.31 -14.41
C LEU C 16 -0.53 30.05 -15.22
N SER C 17 0.52 29.36 -15.69
CA SER C 17 0.33 28.08 -16.36
C SER C 17 -0.24 27.02 -15.41
N PHE C 18 0.28 26.98 -14.18
CA PHE C 18 -0.20 25.98 -13.22
C PHE C 18 -1.68 26.15 -12.93
N ARG C 19 -2.11 27.39 -12.70
CA ARG C 19 -3.51 27.64 -12.39
C ARG C 19 -4.39 27.27 -13.59
N SER C 20 -3.90 27.52 -14.80
CA SER C 20 -4.64 27.18 -16.00
C SER C 20 -4.80 25.67 -16.13
N HIS C 21 -3.71 24.92 -15.98
CA HIS C 21 -3.78 23.47 -16.04
C HIS C 21 -4.66 22.92 -14.93
N PHE C 22 -4.48 23.42 -13.71
CA PHE C 22 -5.23 22.92 -12.57
C PHE C 22 -6.72 23.17 -12.73
N GLN C 23 -7.11 24.37 -13.20
CA GLN C 23 -8.54 24.63 -13.37
C GLN C 23 -9.13 23.81 -14.51
N LYS C 24 -8.34 23.51 -15.55
CA LYS C 24 -8.84 22.76 -16.69
C LYS C 24 -8.98 21.27 -16.39
N ASN C 25 -7.98 20.66 -15.76
CA ASN C 25 -7.95 19.21 -15.60
C ASN C 25 -8.31 18.74 -14.19
N PHE C 26 -8.36 19.63 -13.21
CA PHE C 26 -8.67 19.31 -11.80
C PHE C 26 -7.58 18.53 -11.10
N VAL C 27 -6.44 18.32 -11.75
CA VAL C 27 -5.27 17.67 -11.17
C VAL C 27 -4.05 18.23 -11.87
N CYS C 28 -2.99 18.47 -11.11
CA CYS C 28 -1.75 18.91 -11.74
C CYS C 28 -0.58 18.62 -10.81
N LEU C 29 0.47 18.03 -11.38
CA LEU C 29 1.73 17.90 -10.68
C LEU C 29 2.16 19.29 -10.23
N GLU C 30 2.60 19.41 -8.98
CA GLU C 30 3.00 20.68 -8.41
C GLU C 30 4.51 20.80 -8.29
N ASN C 31 5.14 19.90 -7.57
CA ASN C 31 6.58 19.90 -7.42
C ASN C 31 7.09 18.49 -7.69
N CYS C 32 8.35 18.40 -8.11
CA CYS C 32 8.92 17.09 -8.37
C CYS C 32 10.43 17.22 -8.24
N SER C 33 11.07 16.23 -7.63
CA SER C 33 12.52 16.27 -7.54
C SER C 33 13.09 14.86 -7.66
N LEU C 34 14.27 14.79 -8.25
CA LEU C 34 14.98 13.54 -8.49
C LEU C 34 16.23 13.58 -7.64
N GLN C 35 16.32 12.69 -6.66
CA GLN C 35 17.50 12.60 -5.81
C GLN C 35 17.86 11.13 -5.71
N GLU C 36 19.10 10.85 -6.05
CA GLU C 36 19.63 9.46 -6.08
C GLU C 36 18.79 8.68 -7.09
N ARG C 37 18.16 7.61 -6.68
CA ARG C 37 17.32 6.89 -7.63
C ARG C 37 15.89 6.87 -7.14
N THR C 38 15.37 8.02 -6.77
CA THR C 38 14.01 8.12 -6.28
C THR C 38 13.46 9.44 -6.79
N VAL C 39 12.25 9.38 -7.35
CA VAL C 39 11.55 10.57 -7.80
C VAL C 39 10.42 10.82 -6.81
N THR C 40 10.38 12.03 -6.28
CA THR C 40 9.41 12.41 -5.28
C THR C 40 8.73 13.69 -5.76
N GLY C 41 7.50 13.91 -5.30
CA GLY C 41 6.78 15.10 -5.71
C GLY C 41 5.44 15.22 -5.03
N THR C 42 4.74 16.28 -5.41
CA THR C 42 3.43 16.61 -4.86
C THR C 42 2.45 16.88 -5.99
N VAL C 43 1.18 16.58 -5.74
CA VAL C 43 0.12 16.70 -6.74
C VAL C 43 -1.01 17.49 -6.10
N LYS C 44 -1.49 18.50 -6.82
CA LYS C 44 -2.66 19.26 -6.37
C LYS C 44 -3.90 18.72 -7.08
N VAL C 45 -4.98 18.51 -6.32
CA VAL C 45 -6.25 18.04 -6.89
C VAL C 45 -7.36 18.93 -6.38
N LYS C 46 -8.35 19.17 -7.25
CA LYS C 46 -9.54 19.91 -6.85
C LYS C 46 -10.35 19.09 -5.84
N ASN C 47 -10.79 19.73 -4.75
CA ASN C 47 -11.47 18.97 -3.70
C ASN C 47 -12.96 18.83 -4.06
N VAL C 48 -13.25 17.86 -4.93
CA VAL C 48 -14.62 17.67 -5.41
C VAL C 48 -15.43 16.71 -4.54
N SER C 49 -14.78 15.88 -3.73
CA SER C 49 -15.48 14.98 -2.83
C SER C 49 -14.47 14.44 -1.83
N PHE C 50 -15.00 13.99 -0.69
CA PHE C 50 -14.16 13.40 0.36
C PHE C 50 -13.28 12.27 -0.17
N GLU C 51 -13.89 11.29 -0.83
CA GLU C 51 -13.17 10.07 -1.26
C GLU C 51 -12.38 10.35 -2.52
N LYS C 52 -11.08 10.06 -2.51
CA LYS C 52 -10.22 10.35 -3.66
C LYS C 52 -9.19 9.25 -3.85
N LYS C 53 -8.82 9.02 -5.10
CA LYS C 53 -7.69 8.14 -5.41
C LYS C 53 -6.82 8.83 -6.45
N VAL C 54 -5.56 9.08 -6.08
CA VAL C 54 -4.61 9.77 -6.93
C VAL C 54 -3.47 8.79 -7.18
N GLN C 55 -3.11 8.61 -8.47
CA GLN C 55 -2.10 7.63 -8.83
C GLN C 55 -1.13 8.20 -9.85
N ILE C 56 0.13 7.79 -9.74
CA ILE C 56 1.12 8.04 -10.78
C ILE C 56 1.17 6.81 -11.67
N ARG C 57 1.01 7.00 -12.96
CA ARG C 57 1.27 5.92 -13.92
C ARG C 57 2.62 6.20 -14.56
N ILE C 58 3.58 5.32 -14.34
CA ILE C 58 4.97 5.57 -14.70
C ILE C 58 5.49 4.39 -15.52
N THR C 59 6.32 4.69 -16.52
CA THR C 59 7.05 3.66 -17.26
C THR C 59 8.55 3.89 -17.12
N PHE C 60 9.29 2.80 -17.09
CA PHE C 60 10.74 2.86 -17.16
C PHE C 60 11.27 2.20 -18.43
N ASP C 61 10.40 1.76 -19.33
CA ASP C 61 10.82 1.08 -20.55
C ASP C 61 9.95 1.51 -21.74
N SER C 62 9.80 2.83 -21.91
CA SER C 62 9.19 3.42 -23.11
C SER C 62 7.77 2.93 -23.35
N TRP C 63 7.02 2.74 -22.25
CA TRP C 63 5.62 2.34 -22.25
C TRP C 63 5.40 0.90 -22.72
N LYS C 64 6.45 0.10 -22.84
CA LYS C 64 6.24 -1.34 -22.98
C LYS C 64 5.46 -1.89 -21.79
N ASN C 65 5.78 -1.40 -20.58
CA ASN C 65 5.05 -1.71 -19.36
C ASN C 65 4.86 -0.40 -18.60
N TYR C 66 3.94 -0.43 -17.64
CA TYR C 66 3.79 0.66 -16.69
C TYR C 66 3.26 0.11 -15.37
N THR C 67 3.45 0.88 -14.31
CA THR C 67 2.89 0.57 -12.99
C THR C 67 2.14 1.79 -12.47
N ASP C 68 1.01 1.56 -11.81
CA ASP C 68 0.23 2.60 -11.16
C ASP C 68 0.58 2.63 -9.68
N VAL C 69 1.03 3.79 -9.20
CA VAL C 69 1.51 3.97 -7.82
C VAL C 69 0.58 4.93 -7.08
N ASP C 70 0.08 4.49 -5.93
CA ASP C 70 -0.81 5.33 -5.14
C ASP C 70 -0.07 6.50 -4.51
N CYS C 71 -0.67 7.69 -4.59
CA CYS C 71 -0.20 8.85 -3.84
C CYS C 71 -0.94 8.94 -2.52
N VAL C 72 -0.32 9.62 -1.56
CA VAL C 72 -0.82 9.68 -0.20
C VAL C 72 -1.23 11.11 0.13
N TYR C 73 -2.38 11.26 0.77
CA TYR C 73 -2.87 12.57 1.16
C TYR C 73 -1.91 13.26 2.14
N MET C 74 -1.71 14.56 1.93
CA MET C 74 -0.86 15.39 2.79
C MET C 74 -1.74 16.35 3.56
N LYS C 75 -1.65 16.32 4.88
CA LYS C 75 -2.29 17.35 5.69
C LYS C 75 -1.54 18.66 5.53
N ASN C 76 -2.25 19.74 5.20
CA ASN C 76 -1.58 21.03 5.06
C ASN C 76 -2.33 22.09 5.88
N GLY C 80 -5.58 25.81 1.89
CA GLY C 80 -6.98 26.14 1.64
C GLY C 80 -7.92 24.95 1.56
N THR C 81 -9.19 25.23 1.27
CA THR C 81 -10.23 24.21 1.19
C THR C 81 -10.60 23.83 -0.23
N ASP C 82 -10.21 24.62 -1.23
CA ASP C 82 -10.58 24.32 -2.60
C ASP C 82 -9.80 23.12 -3.16
N SER C 83 -8.60 22.86 -2.66
CA SER C 83 -7.76 21.83 -3.23
C SER C 83 -7.13 21.03 -2.11
N ASP C 84 -6.58 19.88 -2.50
CA ASP C 84 -5.84 19.00 -1.60
C ASP C 84 -4.53 18.61 -2.27
N THR C 85 -3.54 18.28 -1.46
CA THR C 85 -2.22 17.90 -1.94
C THR C 85 -1.93 16.44 -1.58
N PHE C 86 -1.39 15.71 -2.55
CA PHE C 86 -0.99 14.32 -2.39
C PHE C 86 0.50 14.19 -2.73
N SER C 87 1.19 13.30 -2.05
CA SER C 87 2.61 13.11 -2.30
C SER C 87 2.90 11.71 -2.85
N PHE C 88 4.04 11.58 -3.53
CA PHE C 88 4.49 10.29 -4.02
C PHE C 88 6.00 10.18 -3.93
N ALA C 89 6.48 8.94 -3.85
CA ALA C 89 7.91 8.64 -3.87
C ALA C 89 8.09 7.30 -4.58
N ILE C 90 8.91 7.29 -5.63
CA ILE C 90 9.05 6.14 -6.52
C ILE C 90 10.51 5.85 -6.75
N ASP C 91 10.92 4.61 -6.49
CA ASP C 91 12.29 4.17 -6.71
C ASP C 91 12.49 3.82 -8.18
N LEU C 92 13.57 4.35 -8.76
CA LEU C 92 13.98 3.94 -10.10
C LEU C 92 14.55 2.52 -10.05
N PRO C 93 14.43 1.77 -11.15
CA PRO C 93 15.13 0.49 -11.24
C PRO C 93 16.62 0.69 -11.09
N PRO C 94 17.34 -0.34 -10.61
CA PRO C 94 18.80 -0.18 -10.40
C PRO C 94 19.52 0.29 -11.65
N VAL C 95 19.24 -0.29 -12.81
CA VAL C 95 19.84 0.14 -14.06
C VAL C 95 18.75 0.29 -15.13
N ILE C 96 18.81 1.40 -15.87
CA ILE C 96 17.89 1.66 -16.96
C ILE C 96 18.71 1.90 -18.22
N PRO C 97 18.62 1.02 -19.21
CA PRO C 97 19.40 1.22 -20.44
C PRO C 97 19.09 2.56 -21.09
N THR C 98 20.12 3.16 -21.69
CA THR C 98 20.00 4.49 -22.28
C THR C 98 18.92 4.53 -23.35
N GLU C 99 18.56 3.36 -23.87
CA GLU C 99 17.63 3.23 -24.97
C GLU C 99 16.19 3.45 -24.53
N GLN C 100 15.90 3.28 -23.25
CA GLN C 100 14.52 3.30 -22.75
C GLN C 100 14.12 4.66 -22.18
N LYS C 101 12.87 5.04 -22.46
CA LYS C 101 12.28 6.28 -22.00
C LYS C 101 11.67 6.11 -20.62
N ILE C 102 11.81 7.13 -19.77
CA ILE C 102 11.17 7.17 -18.46
C ILE C 102 10.18 8.33 -18.46
N GLU C 103 8.89 8.02 -18.30
CA GLU C 103 7.82 9.01 -18.39
C GLU C 103 6.73 8.66 -17.39
N PHE C 104 6.03 9.68 -16.86
CA PHE C 104 4.88 9.40 -16.01
C PHE C 104 3.77 10.43 -16.22
N CYS C 105 2.58 10.05 -15.79
CA CYS C 105 1.41 10.93 -15.80
C CYS C 105 0.61 10.65 -14.54
N ILE C 106 -0.47 11.40 -14.35
CA ILE C 106 -1.20 11.38 -13.08
C ILE C 106 -2.68 11.18 -13.36
N SER C 107 -3.31 10.26 -12.63
CA SER C 107 -4.74 10.06 -12.73
C SER C 107 -5.39 10.38 -11.38
N TYR C 108 -6.64 10.82 -11.44
CA TYR C 108 -7.36 11.27 -10.24
C TYR C 108 -8.78 10.77 -10.38
N HIS C 109 -9.18 9.84 -9.50
CA HIS C 109 -10.54 9.32 -9.47
C HIS C 109 -11.27 9.98 -8.32
N ALA C 110 -12.41 10.61 -8.62
CA ALA C 110 -13.24 11.24 -7.62
C ALA C 110 -14.63 11.46 -8.18
N ASN C 111 -15.64 11.29 -7.33
CA ASN C 111 -17.03 11.58 -7.66
C ASN C 111 -17.45 10.82 -8.92
N GLY C 112 -17.01 9.56 -9.03
CA GLY C 112 -17.34 8.72 -10.15
C GLY C 112 -16.72 9.12 -11.47
N GLN C 113 -15.79 10.08 -11.47
CA GLN C 113 -15.13 10.53 -12.69
C GLN C 113 -13.62 10.28 -12.63
N VAL C 114 -12.98 10.45 -13.78
CA VAL C 114 -11.53 10.27 -13.91
C VAL C 114 -10.95 11.54 -14.53
N PHE C 115 -9.93 12.09 -13.89
CA PHE C 115 -9.22 13.25 -14.39
C PHE C 115 -7.75 12.86 -14.57
N TRP C 116 -7.10 13.46 -15.57
CA TRP C 116 -5.71 13.16 -15.87
C TRP C 116 -4.87 14.43 -15.98
N ASP C 117 -3.65 14.35 -15.48
CA ASP C 117 -2.58 15.27 -15.84
C ASP C 117 -1.57 14.48 -16.67
N ASN C 118 -1.61 14.68 -17.99
CA ASN C 118 -0.63 14.07 -18.89
C ASN C 118 0.32 15.10 -19.48
N ASN C 119 0.46 16.25 -18.84
CA ASN C 119 1.39 17.30 -19.26
C ASN C 119 1.19 17.65 -20.73
N ASP C 120 -0.06 17.98 -21.08
CA ASP C 120 -0.41 18.38 -22.43
C ASP C 120 -0.06 17.31 -23.47
N GLY C 121 -0.17 16.04 -23.08
CA GLY C 121 0.07 14.94 -23.99
C GLY C 121 1.50 14.51 -24.12
N GLN C 122 2.43 15.14 -23.40
CA GLN C 122 3.85 14.81 -23.48
C GLN C 122 4.28 13.87 -22.38
N ASN C 123 3.48 13.77 -21.31
CA ASN C 123 3.86 13.13 -20.06
C ASN C 123 5.03 13.87 -19.44
N TYR C 124 5.39 13.48 -18.21
CA TYR C 124 6.52 14.05 -17.51
C TYR C 124 7.72 13.14 -17.71
N ARG C 125 8.77 13.66 -18.34
CA ARG C 125 9.87 12.82 -18.79
C ARG C 125 11.09 12.99 -17.90
N ILE C 126 11.77 11.88 -17.66
CA ILE C 126 13.07 11.86 -16.99
C ILE C 126 14.06 11.32 -18.01
N VAL C 127 15.13 12.07 -18.28
CA VAL C 127 16.02 11.71 -19.38
C VAL C 127 17.45 11.55 -18.89
N HIS C 128 18.22 10.77 -19.66
CA HIS C 128 19.62 10.55 -19.33
C HIS C 128 20.46 11.72 -19.83
N VAL C 129 21.39 12.18 -19.01
CA VAL C 129 22.27 13.27 -19.45
C VAL C 129 23.67 12.73 -19.71
C1 GLC D . -0.53 -12.60 26.18
C2 GLC D . 0.23 -12.46 24.85
C3 GLC D . 0.71 -11.02 24.64
C4 GLC D . -0.44 -10.02 24.75
C5 GLC D . -1.24 -10.27 26.05
C6 GLC D . -2.54 -9.46 25.99
O2 GLC D . 1.38 -13.30 24.89
O3 GLC D . 1.29 -10.91 23.36
O4 GLC D . 0.16 -8.73 24.76
O5 GLC D . -1.58 -11.66 26.28
O6 GLC D . -3.15 -9.57 27.27
C1 GLC D . -0.37 -7.77 23.90
C2 GLC D . 0.79 -7.32 22.90
C3 GLC D . 1.94 -6.67 23.71
C4 GLC D . 1.46 -5.61 24.68
C5 GLC D . 0.29 -6.11 25.50
C6 GLC D . -0.28 -4.95 26.33
O2 GLC D . 1.26 -8.42 22.20
O3 GLC D . 2.91 -6.11 22.82
O4 GLC D . 2.57 -5.27 25.55
O5 GLC D . -0.79 -6.63 24.68
O6 GLC D . -1.21 -5.51 27.22
C1 GLC D . 3.20 -4.04 25.21
C2 GLC D . 4.73 -4.27 25.21
C3 GLC D . 5.22 -4.62 26.62
C4 GLC D . 4.78 -3.56 27.60
C5 GLC D . 3.27 -3.24 27.48
C6 GLC D . 2.95 -1.96 28.27
O2 GLC D . 5.05 -5.31 24.32
O3 GLC D . 6.64 -4.66 26.66
O4 GLC D . 5.09 -4.02 28.90
O5 GLC D . 2.85 -3.02 26.14
O6 GLC D . 1.61 -2.08 28.56
C1 GLC D . 5.74 -3.06 29.74
C2 GLC D . 7.19 -3.50 30.01
C3 GLC D . 7.18 -4.86 30.74
C4 GLC D . 6.31 -4.81 32.00
C5 GLC D . 4.94 -4.20 31.69
C6 GLC D . 4.28 -3.87 33.05
O2 GLC D . 7.85 -3.59 28.79
O3 GLC D . 8.46 -5.28 31.08
O4 GLC D . 6.15 -6.16 32.41
O5 GLC D . 4.98 -3.00 30.91
O6 GLC D . 2.96 -3.48 32.76
C1 GLC D . 6.66 -6.46 33.68
C2 GLC D . 7.54 -7.73 33.56
C3 GLC D . 6.69 -8.96 33.19
C4 GLC D . 5.45 -9.10 34.05
C5 GLC D . 4.73 -7.75 34.03
C6 GLC D . 3.39 -7.73 34.81
O2 GLC D . 8.47 -7.49 32.55
O3 GLC D . 7.48 -10.14 33.20
O4 GLC D . 4.63 -10.12 33.43
O5 GLC D . 5.54 -6.70 34.53
O6 GLC D . 3.58 -8.49 35.97
C1 GLC D . 4.20 -11.19 34.27
C2 GLC D . 4.82 -12.50 33.73
C3 GLC D . 4.24 -12.86 32.34
C4 GLC D . 2.72 -12.84 32.35
C5 GLC D . 2.21 -11.52 32.97
C6 GLC D . 0.67 -11.58 33.19
O2 GLC D . 6.21 -12.38 33.60
O3 GLC D . 4.69 -14.14 31.96
O4 GLC D . 2.25 -12.97 31.02
O5 GLC D . 2.79 -11.24 34.24
O6 GLC D . 0.18 -10.29 33.49
C1 GLC D . 1.50 -14.12 30.80
C2 GLC D . 2.01 -14.81 29.49
C3 GLC D . 1.84 -13.83 28.32
C4 GLC D . 0.41 -13.40 28.20
C5 GLC D . -0.12 -12.88 29.54
C6 GLC D . -1.64 -12.70 29.47
O2 GLC D . 3.36 -15.15 29.66
O3 GLC D . 2.24 -14.46 27.10
O4 GLC D . 0.39 -12.36 27.21
O5 GLC D . 0.14 -13.76 30.65
O6 GLC D . -2.09 -12.07 30.64
C1 GLC E . -7.10 -15.79 -19.49
C2 GLC E . -7.56 -16.37 -18.12
C3 GLC E . -9.11 -16.50 -18.09
C4 GLC E . -9.73 -15.17 -18.41
C5 GLC E . -9.14 -14.61 -19.71
C6 GLC E . -9.68 -13.18 -19.90
O2 GLC E . -6.94 -17.61 -17.94
O3 GLC E . -9.61 -16.92 -16.82
O4 GLC E . -11.15 -15.39 -18.58
O5 GLC E . -7.72 -14.53 -19.70
O6 GLC E . -9.32 -12.79 -21.20
C1 GLC E . -11.95 -14.96 -17.51
C2 GLC E . -12.98 -16.10 -17.25
C3 GLC E . -13.94 -16.27 -18.46
C4 GLC E . -14.53 -14.93 -18.88
C5 GLC E . -13.40 -13.91 -19.06
C6 GLC E . -13.96 -12.51 -19.38
O2 GLC E . -12.24 -17.26 -17.10
O3 GLC E . -14.98 -17.18 -18.19
O4 GLC E . -15.27 -15.18 -20.07
O5 GLC E . -12.61 -13.77 -17.90
O6 GLC E . -14.78 -12.19 -18.30
C1 GLC E . -16.57 -14.73 -20.10
C2 GLC E . -17.48 -15.92 -20.55
C3 GLC E . -17.08 -16.37 -21.97
C4 GLC E . -17.03 -15.22 -22.95
C5 GLC E . -16.18 -14.09 -22.36
C6 GLC E . -16.13 -12.83 -23.25
O2 GLC E . -17.30 -16.99 -19.67
O3 GLC E . -17.99 -17.38 -22.43
O4 GLC E . -16.46 -15.74 -24.18
O5 GLC E . -16.64 -13.68 -21.08
O6 GLC E . -17.44 -12.40 -23.49
C1 GLC E . -17.20 -15.45 -25.34
C2 GLC E . -17.69 -16.75 -26.00
C3 GLC E . -16.49 -17.62 -26.42
C4 GLC E . -15.48 -16.85 -27.27
C5 GLC E . -15.16 -15.48 -26.64
C6 GLC E . -14.45 -14.61 -27.67
O2 GLC E . -18.45 -17.48 -25.08
O3 GLC E . -16.92 -18.77 -27.13
O4 GLC E . -14.30 -17.65 -27.32
O5 GLC E . -16.32 -14.77 -26.20
O6 GLC E . -13.80 -13.59 -26.94
C1 GLC E . -13.93 -17.93 -28.61
C2 GLC E . -13.64 -19.47 -28.70
C3 GLC E . -12.42 -19.81 -27.84
C4 GLC E . -11.23 -18.97 -28.23
C5 GLC E . -11.59 -17.51 -28.18
C6 GLC E . -10.43 -16.64 -28.71
O2 GLC E . -14.77 -20.14 -28.26
O3 GLC E . -12.10 -21.19 -28.04
O4 GLC E . -10.14 -19.24 -27.31
O5 GLC E . -12.76 -17.17 -28.93
O6 GLC E . -10.78 -15.30 -28.50
C1 GLC E . -8.97 -19.80 -27.89
C2 GLC E . -8.59 -21.00 -27.00
C3 GLC E . -8.31 -20.53 -25.55
C4 GLC E . -7.30 -19.41 -25.52
C5 GLC E . -7.68 -18.30 -26.54
C6 GLC E . -6.55 -17.27 -26.65
O2 GLC E . -9.65 -21.94 -26.98
O3 GLC E . -7.75 -21.57 -24.77
O4 GLC E . -7.26 -18.93 -24.20
O5 GLC E . -7.95 -18.80 -27.85
O6 GLC E . -7.05 -16.20 -27.39
C1 GLC E . -6.00 -18.98 -23.58
C2 GLC E . -6.12 -19.68 -22.17
C3 GLC E . -6.98 -18.84 -21.19
C4 GLC E . -6.47 -17.39 -21.13
C5 GLC E . -6.20 -16.81 -22.54
C6 GLC E . -5.34 -15.53 -22.41
O2 GLC E . -6.69 -20.93 -22.31
O3 GLC E . -6.91 -19.41 -19.91
O4 GLC E . -7.50 -16.62 -20.53
O5 GLC E . -5.51 -17.67 -23.43
O6 GLC E . -5.75 -14.64 -23.43
C1 GLC F . -8.08 11.50 1.81
C2 GLC F . -8.71 10.73 0.61
C3 GLC F . -9.65 9.65 1.16
C4 GLC F . -8.97 8.77 2.19
C5 GLC F . -8.36 9.64 3.26
C6 GLC F . -7.57 8.83 4.32
O2 GLC F . -9.39 11.62 -0.22
O3 GLC F . -10.14 8.85 0.12
O4 GLC F . -10.02 7.94 2.71
O5 GLC F . -7.48 10.59 2.71
O6 GLC F . -6.69 8.00 3.61
C1 GLC F . -9.72 6.57 2.82
C2 GLC F . -10.91 5.79 2.19
C3 GLC F . -12.21 6.04 2.98
C4 GLC F . -12.03 5.81 4.47
C5 GLC F . -10.81 6.63 4.93
C6 GLC F . -10.51 6.48 6.44
O2 GLC F . -11.08 6.24 0.89
O3 GLC F . -13.23 5.22 2.49
O4 GLC F . -13.23 6.26 5.09
O5 GLC F . -9.63 6.29 4.21
O6 GLC F . -10.39 5.10 6.72
C1 GLC F . -13.81 5.37 5.98
C2 GLC F . -15.20 4.95 5.45
C3 GLC F . -16.11 6.19 5.32
C4 GLC F . -16.19 6.92 6.62
C5 GLC F . -14.80 7.19 7.20
C6 GLC F . -14.91 7.65 8.65
O2 GLC F . -15.04 4.35 4.22
O3 GLC F . -17.43 5.81 4.96
O4 GLC F . -16.89 8.17 6.40
O5 GLC F . -13.93 6.07 7.24
O6 GLC F . -13.74 8.34 8.87
C1 GLC F . -18.06 8.36 7.18
C2 GLC F . -19.20 8.83 6.23
C3 GLC F . -18.92 10.21 5.63
C4 GLC F . -18.55 11.24 6.69
C5 GLC F . -17.49 10.66 7.64
C6 GLC F . -17.32 11.63 8.81
O2 GLC F . -19.35 7.93 5.16
O3 GLC F . -20.02 10.70 4.90
O4 GLC F . -18.06 12.40 6.04
O5 GLC F . -17.79 9.36 8.16
O6 GLC F . -16.22 11.17 9.55
C1 GLC F . -18.83 13.52 6.27
C2 GLC F . -19.02 14.27 4.91
C3 GLC F . -17.63 14.67 4.36
C4 GLC F . -16.85 15.51 5.37
C5 GLC F . -16.86 14.84 6.74
C6 GLC F . -16.40 15.81 7.84
O2 GLC F . -19.68 13.39 4.06
O3 GLC F . -17.78 15.43 3.15
O4 GLC F . -15.49 15.68 4.89
O5 GLC F . -18.16 14.39 7.19
O6 GLC F . -16.28 15.06 9.05
C1 GLC F . -15.09 17.02 4.73
C2 GLC F . -14.65 17.27 3.27
C3 GLC F . -13.39 16.45 2.94
C4 GLC F . -12.29 16.63 3.97
C5 GLC F . -12.87 16.44 5.38
C6 GLC F . -11.82 16.74 6.46
O2 GLC F . -15.67 16.86 2.39
O3 GLC F . -12.92 16.81 1.63
O4 GLC F . -11.34 15.60 3.73
O5 GLC F . -14.02 17.27 5.63
O6 GLC F . -12.50 16.60 7.67
C1 GLC F . -9.99 16.01 3.70
C2 GLC F . -9.47 15.91 2.23
C3 GLC F . -9.47 14.43 1.78
C4 GLC F . -8.77 13.52 2.80
C5 GLC F . -9.25 13.79 4.23
C6 GLC F . -8.35 13.08 5.28
O2 GLC F . -10.27 16.69 1.38
O3 GLC F . -8.87 14.30 0.53
O4 GLC F . -9.11 12.18 2.46
O5 GLC F . -9.28 15.17 4.59
O6 GLC F . -9.04 13.16 6.51
C1 GOL G . -22.23 -24.83 10.30
O1 GOL G . -22.01 -26.13 9.83
C2 GOL G . -21.01 -24.02 9.88
O2 GOL G . -20.98 -22.81 10.58
C3 GOL G . -19.77 -24.84 10.21
O3 GOL G . -18.71 -24.36 9.44
C1 GOL H . -9.48 -12.44 -24.83
O1 GOL H . -9.13 -12.41 -26.20
C2 GOL H . -9.29 -13.86 -24.28
O2 GOL H . -7.95 -14.25 -24.52
C3 GOL H . -10.24 -14.79 -25.00
O3 GOL H . -11.26 -14.04 -25.64
C1 GOL I . -5.47 -22.77 -20.02
O1 GOL I . -6.79 -22.27 -19.94
C2 GOL I . -5.52 -24.21 -20.50
O2 GOL I . -4.25 -24.59 -20.99
C3 GOL I . -6.56 -24.36 -21.60
O3 GOL I . -6.43 -25.63 -22.19
C1 GOL J . -13.69 12.24 7.65
O1 GOL J . -13.92 11.76 8.96
C2 GOL J . -12.20 12.51 7.52
O2 GOL J . -11.53 11.26 7.52
C3 GOL J . -11.76 13.33 8.72
O3 GOL J . -11.93 12.56 9.90
#